data_8AQY
#
_entry.id   8AQY
#
_cell.length_a   192.913
_cell.length_b   57.846
_cell.length_c   57.846
_cell.angle_alpha   90.000
_cell.angle_beta   107.450
_cell.angle_gamma   90.000
#
_symmetry.space_group_name_H-M   'C 1 2 1'
#
loop_
_entity.id
_entity.type
_entity.pdbx_description
1 polymer Streptavidin
2 non-polymer "tert-butyl 7'-[5-[(3aS,4S,6aR)-2-oxidanylidene-1,3,3a,4,6,6a-hexahydrothieno[3,4-d]imidazol-4-yl]pentanoylamino]-1-chloranyl-2,3,4,5,6-pentamethyl-spiro[1$l^{8}-iridapentacyclo[2.2.0.0^{1,3}.0^{1,5}.0^{2,6}]hexane-1,2'-3-aza-1-azonia-2$l^{8}-iridatricyclo[6.3.1.0^{4,12}]dodeca-1(11),4,6,8(12),9-pentaene]-3'-carboxylate"
3 water water
#
_entity_poly.entity_id   1
_entity_poly.type   'polypeptide(L)'
_entity_poly.pdbx_seq_one_letter_code
;ASMTGGQQMGRDEAGITGTWYNQLGSTFIVTAGADGALTGTYESAVGNAESRYVLTGRYDSAPATDGSGTALGWTVAWKN
NYRNAHSATTWSGQYVGGAEARINTQWLLTAGTTEANAWKSTLVGHDTFTKVKPSAASIDAAKKAGVNNGNPLDAVQQ
;
_entity_poly.pdbx_strand_id   A,B,C,D
#
loop_
_chem_comp.id
_chem_comp.type
_chem_comp.name
_chem_comp.formula
NOF non-polymer 'tert-butyl 7'-[5-[(3aS,4S,6aR)-2-oxidanylidene-1,3,3a,4,6,6a-hexahydrothieno[3,4-d]imidazol-4-yl]pentanoylamino]-1-chloranyl-2,3,4,5,6-pentamethyl-spiro[1$l^{8}-iridapentacyclo[2.2.0.0^{1,3}.0^{1,5}.0^{2,6}]hexane-1,2'-3-aza-1-azonia-2$l^{8}-iridatricyclo[6.3.1.0^{4,12}]dodeca-1(11),4,6,8(12),9-pentaene]-3'-carboxylate' 'C34 H45 Cl Ir N5 O4 S 1'
#
# COMPACT_ATOMS: atom_id res chain seq x y z
N ASP A 12 -7.25 -9.76 24.86
CA ASP A 12 -7.45 -10.68 23.70
C ASP A 12 -6.26 -11.61 23.53
N GLU A 13 -5.50 -11.82 24.60
CA GLU A 13 -4.42 -12.78 24.58
C GLU A 13 -4.95 -14.15 24.17
N ALA A 14 -5.98 -14.62 24.87
CA ALA A 14 -6.60 -15.91 24.59
C ALA A 14 -7.23 -15.96 23.19
N GLY A 15 -7.86 -14.86 22.78
CA GLY A 15 -8.55 -14.81 21.49
C GLY A 15 -7.57 -14.91 20.31
N ILE A 16 -6.41 -14.27 20.45
CA ILE A 16 -5.43 -14.24 19.35
C ILE A 16 -4.59 -15.51 19.33
N THR A 17 -4.22 -16.02 20.51
CA THR A 17 -3.35 -17.19 20.55
C THR A 17 -4.03 -18.39 19.90
N GLY A 18 -3.30 -19.08 19.03
CA GLY A 18 -3.84 -20.22 18.33
C GLY A 18 -3.35 -20.34 16.91
N THR A 19 -4.12 -21.13 16.16
CA THR A 19 -3.84 -21.47 14.78
C THR A 19 -4.89 -20.78 13.92
N TRP A 20 -4.41 -20.00 12.94
CA TRP A 20 -5.21 -19.28 11.98
C TRP A 20 -4.88 -19.68 10.56
N TYR A 21 -5.87 -19.58 9.68
CA TYR A 21 -5.77 -19.94 8.28
C TYR A 21 -6.24 -18.77 7.39
N ASN A 22 -5.51 -18.46 6.31
CA ASN A 22 -5.93 -17.36 5.41
C ASN A 22 -6.67 -17.94 4.21
N GLN A 23 -7.03 -17.06 3.26
CA GLN A 23 -7.87 -17.43 2.13
C GLN A 23 -7.12 -18.30 1.12
N LEU A 24 -5.78 -18.28 1.16
CA LEU A 24 -4.89 -18.99 0.24
C LEU A 24 -4.59 -20.39 0.78
N GLY A 25 -4.93 -20.66 2.04
CA GLY A 25 -4.57 -21.89 2.72
C GLY A 25 -3.27 -21.84 3.51
N SER A 26 -2.68 -20.63 3.70
CA SER A 26 -1.55 -20.49 4.60
C SER A 26 -1.97 -20.67 6.07
N THR A 27 -1.03 -21.12 6.92
CA THR A 27 -1.21 -21.39 8.33
C THR A 27 -0.35 -20.47 9.18
N PHE A 28 -1.00 -19.76 10.08
CA PHE A 28 -0.38 -18.79 10.96
C PHE A 28 -0.56 -19.33 12.37
N ILE A 29 0.54 -19.72 12.99
CA ILE A 29 0.53 -20.24 14.33
C ILE A 29 1.14 -19.24 15.29
N VAL A 30 0.35 -18.71 16.24
CA VAL A 30 0.81 -17.57 17.02
C VAL A 30 0.50 -17.72 18.51
N THR A 31 1.42 -17.22 19.34
CA THR A 31 1.16 -16.99 20.75
C THR A 31 1.22 -15.50 21.04
N ALA A 32 0.18 -14.96 21.68
CA ALA A 32 0.12 -13.58 22.14
C ALA A 32 0.52 -13.52 23.61
N GLY A 33 1.60 -12.79 23.87
CA GLY A 33 2.13 -12.61 25.21
C GLY A 33 1.41 -11.50 25.99
N ALA A 34 1.45 -11.56 27.33
CA ALA A 34 0.75 -10.58 28.15
C ALA A 34 1.31 -9.15 27.97
N ASP A 35 2.56 -9.08 27.50
CA ASP A 35 3.36 -7.89 27.30
C ASP A 35 3.15 -7.25 25.91
N GLY A 36 2.37 -7.87 25.02
CA GLY A 36 2.14 -7.35 23.68
C GLY A 36 2.93 -8.07 22.60
N ALA A 37 3.66 -9.14 22.96
CA ALA A 37 4.44 -9.85 21.94
C ALA A 37 3.58 -10.81 21.14
N LEU A 38 3.95 -10.97 19.85
CA LEU A 38 3.49 -12.07 19.02
C LEU A 38 4.69 -12.89 18.63
N THR A 39 4.61 -14.22 18.83
N THR A 39 4.56 -14.21 18.80
CA THR A 39 5.67 -15.15 18.49
CA THR A 39 5.58 -15.15 18.36
C THR A 39 5.04 -16.43 17.91
C THR A 39 4.89 -16.31 17.68
N GLY A 40 5.63 -16.99 16.81
CA GLY A 40 5.12 -18.21 16.26
C GLY A 40 5.78 -18.56 14.94
N THR A 41 4.96 -19.20 14.09
CA THR A 41 5.40 -19.67 12.79
C THR A 41 4.33 -19.42 11.73
N TYR A 42 4.83 -19.30 10.50
CA TYR A 42 4.00 -19.10 9.34
C TYR A 42 4.41 -20.13 8.32
N GLU A 43 3.39 -20.71 7.70
CA GLU A 43 3.63 -21.55 6.52
C GLU A 43 2.78 -21.03 5.36
N SER A 44 3.45 -20.62 4.26
CA SER A 44 2.76 -20.05 3.10
C SER A 44 2.36 -21.20 2.17
N ALA A 45 1.12 -21.14 1.70
CA ALA A 45 0.64 -22.07 0.67
C ALA A 45 1.10 -21.67 -0.74
N VAL A 46 1.68 -20.47 -0.89
CA VAL A 46 2.07 -19.94 -2.20
C VAL A 46 3.49 -19.37 -2.15
N GLY A 47 4.07 -19.25 -3.34
CA GLY A 47 5.28 -18.46 -3.50
C GLY A 47 6.52 -19.30 -3.26
N ASN A 48 7.66 -18.61 -3.11
CA ASN A 48 8.96 -19.25 -2.98
C ASN A 48 9.15 -19.62 -1.51
N ALA A 49 8.41 -20.64 -1.06
CA ALA A 49 8.29 -20.91 0.35
C ALA A 49 8.05 -22.39 0.57
N GLU A 50 8.69 -22.96 1.61
CA GLU A 50 8.45 -24.34 1.99
C GLU A 50 8.56 -24.47 3.51
N SER A 51 7.57 -25.12 4.11
CA SER A 51 7.61 -25.42 5.51
C SER A 51 7.36 -24.11 6.27
N ARG A 52 7.83 -24.10 7.51
CA ARG A 52 7.51 -23.06 8.45
C ARG A 52 8.65 -22.04 8.51
N TYR A 53 8.27 -20.78 8.77
CA TYR A 53 9.18 -19.67 8.95
C TYR A 53 8.83 -19.01 10.29
N VAL A 54 9.86 -18.49 10.95
CA VAL A 54 9.71 -17.76 12.19
C VAL A 54 8.92 -16.48 11.93
N LEU A 55 8.03 -16.15 12.86
CA LEU A 55 7.48 -14.81 12.86
C LEU A 55 7.57 -14.20 14.23
N THR A 56 7.51 -12.88 14.22
N THR A 56 7.66 -12.87 14.26
CA THR A 56 7.47 -12.10 15.43
CA THR A 56 7.53 -12.08 15.48
C THR A 56 6.66 -10.84 15.12
C THR A 56 6.77 -10.80 15.16
N GLY A 57 6.02 -10.33 16.16
CA GLY A 57 5.29 -9.10 16.01
C GLY A 57 4.80 -8.56 17.32
N ARG A 58 3.82 -7.67 17.20
CA ARG A 58 3.28 -6.96 18.38
C ARG A 58 1.78 -6.79 18.21
N TYR A 59 1.08 -6.65 19.35
CA TYR A 59 -0.33 -6.33 19.34
C TYR A 59 -0.62 -5.39 20.51
N ASP A 60 -1.73 -4.67 20.37
CA ASP A 60 -2.26 -3.80 21.44
C ASP A 60 -2.87 -4.66 22.55
N SER A 61 -2.19 -4.72 23.70
CA SER A 61 -2.58 -5.61 24.80
C SER A 61 -3.60 -4.95 25.74
N ALA A 62 -4.03 -3.72 25.46
CA ALA A 62 -5.05 -3.00 26.23
C ALA A 62 -5.97 -2.26 25.25
N PRO A 63 -6.71 -3.00 24.41
CA PRO A 63 -7.51 -2.35 23.36
C PRO A 63 -8.71 -1.62 23.95
N ALA A 64 -9.31 -0.83 23.09
CA ALA A 64 -10.44 0.01 23.45
C ALA A 64 -11.64 -0.90 23.73
N THR A 65 -12.51 -0.44 24.63
CA THR A 65 -13.66 -1.19 25.09
C THR A 65 -14.93 -0.68 24.42
N ASP A 66 -14.83 -0.25 23.16
CA ASP A 66 -15.93 0.42 22.47
C ASP A 66 -16.37 -0.37 21.24
N GLY A 67 -15.95 -1.64 21.12
CA GLY A 67 -16.30 -2.45 19.98
C GLY A 67 -15.27 -2.37 18.85
N SER A 68 -14.24 -1.56 19.02
CA SER A 68 -13.14 -1.54 18.05
C SER A 68 -12.38 -2.85 18.08
N GLY A 69 -11.75 -3.16 16.92
CA GLY A 69 -10.78 -4.23 16.76
C GLY A 69 -9.49 -3.96 17.54
N THR A 70 -8.60 -4.97 17.56
CA THR A 70 -7.34 -4.93 18.26
C THR A 70 -6.22 -4.86 17.22
N ALA A 71 -5.49 -3.73 17.22
CA ALA A 71 -4.41 -3.55 16.24
C ALA A 71 -3.26 -4.50 16.48
N LEU A 72 -2.65 -5.00 15.39
N LEU A 72 -2.65 -5.01 15.39
CA LEU A 72 -1.50 -5.86 15.51
CA LEU A 72 -1.51 -5.90 15.53
C LEU A 72 -0.70 -5.85 14.21
C LEU A 72 -0.76 -5.96 14.20
N GLY A 73 0.47 -6.48 14.26
CA GLY A 73 1.25 -6.73 13.07
C GLY A 73 2.36 -7.72 13.35
N TRP A 74 2.87 -8.30 12.27
CA TRP A 74 3.95 -9.25 12.42
C TRP A 74 4.76 -9.31 11.14
N THR A 75 5.96 -9.87 11.25
CA THR A 75 6.89 -10.02 10.15
C THR A 75 7.35 -11.46 10.05
N VAL A 76 7.50 -11.89 8.79
CA VAL A 76 8.22 -13.12 8.42
C VAL A 76 9.28 -12.75 7.42
N ALA A 77 10.56 -13.11 7.69
CA ALA A 77 11.60 -13.12 6.67
C ALA A 77 11.64 -14.52 6.06
N TRP A 78 11.67 -14.59 4.74
CA TRP A 78 11.40 -15.84 4.03
C TRP A 78 12.68 -16.68 3.88
N LYS A 79 13.34 -16.89 5.01
CA LYS A 79 14.51 -17.74 5.13
C LYS A 79 14.20 -18.76 6.22
N ASN A 80 14.45 -20.04 5.87
CA ASN A 80 14.41 -21.07 6.88
C ASN A 80 15.52 -22.05 6.51
N ASN A 81 15.50 -23.24 7.10
CA ASN A 81 16.56 -24.21 6.79
C ASN A 81 16.46 -24.80 5.39
N TYR A 82 15.33 -24.61 4.69
CA TYR A 82 15.04 -25.22 3.39
C TYR A 82 15.28 -24.27 2.23
N ARG A 83 14.95 -22.97 2.43
CA ARG A 83 14.88 -22.06 1.31
C ARG A 83 15.16 -20.65 1.82
N ASN A 84 15.61 -19.80 0.91
CA ASN A 84 15.74 -18.38 1.21
C ASN A 84 15.27 -17.58 0.00
N ALA A 85 14.11 -16.91 0.11
CA ALA A 85 13.57 -16.11 -0.96
C ALA A 85 14.07 -14.65 -0.93
N HIS A 86 14.98 -14.30 0.01
CA HIS A 86 15.56 -12.96 0.07
C HIS A 86 14.45 -11.90 0.02
N SER A 87 13.52 -12.06 0.96
CA SER A 87 12.33 -11.21 1.04
C SER A 87 11.73 -11.31 2.44
N ALA A 88 10.87 -10.34 2.75
CA ALA A 88 10.21 -10.29 4.04
C ALA A 88 8.83 -9.72 3.81
N THR A 89 7.86 -10.30 4.52
CA THR A 89 6.48 -9.79 4.51
C THR A 89 6.14 -9.29 5.90
N THR A 90 5.46 -8.15 5.92
CA THR A 90 4.83 -7.62 7.12
C THR A 90 3.34 -7.55 6.91
N TRP A 91 2.61 -8.06 7.91
CA TRP A 91 1.17 -7.97 7.97
C TRP A 91 0.77 -6.93 9.01
N SER A 92 -0.14 -6.03 8.63
CA SER A 92 -0.65 -5.00 9.51
C SER A 92 -2.17 -5.12 9.50
N GLY A 93 -2.76 -5.15 10.69
CA GLY A 93 -4.18 -5.46 10.71
C GLY A 93 -4.84 -5.32 12.09
N GLN A 94 -6.03 -5.90 12.17
CA GLN A 94 -6.74 -5.92 13.43
C GLN A 94 -7.46 -7.25 13.59
N TYR A 95 -7.49 -7.70 14.85
CA TYR A 95 -8.23 -8.86 15.34
C TYR A 95 -9.62 -8.37 15.71
N VAL A 96 -10.62 -9.12 15.21
CA VAL A 96 -12.02 -8.87 15.51
C VAL A 96 -12.55 -10.13 16.16
N GLY A 97 -12.90 -10.04 17.45
CA GLY A 97 -13.31 -11.21 18.23
C GLY A 97 -14.74 -11.65 17.89
N GLY A 98 -15.15 -12.75 18.51
CA GLY A 98 -16.53 -13.21 18.41
C GLY A 98 -16.63 -14.57 17.77
N ALA A 99 -17.87 -14.99 17.53
CA ALA A 99 -18.19 -16.35 17.12
C ALA A 99 -17.40 -16.77 15.89
N GLU A 100 -17.32 -15.82 14.93
CA GLU A 100 -16.52 -15.99 13.74
C GLU A 100 -15.36 -15.00 13.79
N ALA A 101 -14.38 -15.30 14.67
CA ALA A 101 -13.26 -14.39 14.90
C ALA A 101 -12.43 -14.31 13.63
N ARG A 102 -11.79 -13.14 13.43
CA ARG A 102 -11.06 -12.89 12.20
C ARG A 102 -9.88 -12.00 12.52
N ILE A 103 -8.81 -12.16 11.75
CA ILE A 103 -7.76 -11.13 11.71
C ILE A 103 -7.75 -10.62 10.27
N ASN A 104 -8.03 -9.32 10.08
CA ASN A 104 -8.09 -8.71 8.77
C ASN A 104 -6.80 -7.95 8.58
N THR A 105 -6.04 -8.26 7.53
CA THR A 105 -4.73 -7.66 7.34
C THR A 105 -4.57 -7.08 5.94
N GLN A 106 -3.64 -6.10 5.87
CA GLN A 106 -2.97 -5.78 4.64
C GLN A 106 -1.49 -6.09 4.82
N TRP A 107 -0.80 -6.44 3.73
CA TRP A 107 0.60 -6.83 3.84
C TRP A 107 1.46 -6.15 2.81
N LEU A 108 2.76 -6.07 3.12
CA LEU A 108 3.80 -5.60 2.24
C LEU A 108 4.89 -6.64 2.19
N LEU A 109 5.24 -7.09 0.99
CA LEU A 109 6.33 -8.03 0.77
C LEU A 109 7.46 -7.34 0.03
N THR A 110 8.59 -7.16 0.71
CA THR A 110 9.75 -6.51 0.11
C THR A 110 10.78 -7.57 -0.21
N ALA A 111 11.25 -7.55 -1.46
CA ALA A 111 12.36 -8.40 -1.87
C ALA A 111 13.64 -7.57 -1.81
N GLY A 112 14.76 -8.18 -1.43
CA GLY A 112 16.04 -7.51 -1.68
C GLY A 112 16.30 -7.36 -3.18
N THR A 113 16.67 -6.15 -3.59
CA THR A 113 16.90 -5.83 -5.00
C THR A 113 18.18 -5.03 -5.12
N THR A 114 18.69 -4.94 -6.36
CA THR A 114 19.62 -3.85 -6.67
C THR A 114 18.90 -2.50 -6.57
N GLU A 115 19.68 -1.41 -6.53
CA GLU A 115 19.10 -0.07 -6.46
C GLU A 115 18.31 0.21 -7.74
N ALA A 116 18.80 -0.31 -8.87
CA ALA A 116 18.15 -0.06 -10.16
C ALA A 116 16.76 -0.72 -10.21
N ASN A 117 16.55 -1.80 -9.46
CA ASN A 117 15.28 -2.53 -9.43
C ASN A 117 14.42 -2.20 -8.18
N ALA A 118 14.82 -1.24 -7.34
CA ALA A 118 14.14 -1.01 -6.07
C ALA A 118 12.71 -0.51 -6.27
N TRP A 119 12.40 0.09 -7.42
CA TRP A 119 11.06 0.56 -7.69
C TRP A 119 10.05 -0.58 -7.74
N LYS A 120 10.52 -1.81 -8.10
CA LYS A 120 9.67 -2.98 -8.17
C LYS A 120 10.00 -3.98 -7.07
N SER A 121 10.35 -3.48 -5.88
CA SER A 121 10.81 -4.35 -4.79
C SER A 121 9.62 -4.88 -3.96
N THR A 122 8.49 -4.15 -3.95
CA THR A 122 7.50 -4.36 -2.90
C THR A 122 6.12 -4.67 -3.48
N LEU A 123 5.60 -5.84 -3.12
CA LEU A 123 4.22 -6.23 -3.42
C LEU A 123 3.32 -5.86 -2.24
N VAL A 124 2.06 -5.56 -2.58
CA VAL A 124 1.07 -5.28 -1.55
C VAL A 124 -0.18 -6.16 -1.79
N GLY A 125 -0.77 -6.60 -0.68
CA GLY A 125 -1.97 -7.43 -0.76
C GLY A 125 -2.72 -7.39 0.55
N HIS A 126 -3.75 -8.27 0.65
CA HIS A 126 -4.59 -8.32 1.83
C HIS A 126 -4.94 -9.78 2.10
N ASP A 127 -4.86 -10.18 3.36
CA ASP A 127 -5.14 -11.54 3.80
C ASP A 127 -6.13 -11.44 4.94
N THR A 128 -7.14 -12.34 4.92
CA THR A 128 -8.06 -12.50 6.01
C THR A 128 -7.87 -13.89 6.62
N PHE A 129 -7.65 -13.90 7.93
CA PHE A 129 -7.42 -15.13 8.71
C PHE A 129 -8.65 -15.45 9.56
N THR A 130 -8.97 -16.75 9.58
CA THR A 130 -10.03 -17.26 10.43
C THR A 130 -9.51 -18.49 11.18
N LYS A 131 -10.30 -18.90 12.21
CA LYS A 131 -9.92 -19.98 13.11
C LYS A 131 -10.29 -21.33 12.51
N VAL A 132 -10.96 -21.32 11.36
CA VAL A 132 -11.48 -22.47 10.65
C VAL A 132 -10.94 -22.41 9.21
N LYS A 133 -10.54 -23.55 8.66
CA LYS A 133 -9.90 -23.61 7.35
C LYS A 133 -10.96 -23.45 6.25
N PRO A 134 -10.63 -22.94 5.04
CA PRO A 134 -11.63 -22.69 4.01
C PRO A 134 -11.79 -23.87 3.03
N ASP B 12 24.96 -9.03 7.49
CA ASP B 12 24.72 -7.58 7.74
C ASP B 12 24.27 -7.33 9.18
N GLU B 13 24.60 -8.25 10.07
CA GLU B 13 24.27 -8.11 11.48
C GLU B 13 24.87 -6.80 12.02
N ALA B 14 26.18 -6.61 11.81
CA ALA B 14 26.84 -5.40 12.26
C ALA B 14 26.29 -4.16 11.56
N GLY B 15 26.01 -4.29 10.26
CA GLY B 15 25.55 -3.15 9.48
C GLY B 15 24.18 -2.66 9.94
N ILE B 16 23.28 -3.58 10.30
CA ILE B 16 21.92 -3.17 10.67
C ILE B 16 21.88 -2.72 12.14
N THR B 17 22.65 -3.39 13.02
CA THR B 17 22.60 -3.07 14.45
C THR B 17 23.06 -1.65 14.70
N GLY B 18 22.26 -0.92 15.49
CA GLY B 18 22.56 0.44 15.83
C GLY B 18 21.34 1.35 15.85
N THR B 19 21.66 2.64 15.74
CA THR B 19 20.68 3.71 15.85
C THR B 19 20.48 4.30 14.45
N TRP B 20 19.20 4.41 14.04
CA TRP B 20 18.78 4.96 12.76
C TRP B 20 17.79 6.08 12.97
N TYR B 21 17.76 7.00 12.01
CA TYR B 21 16.91 8.16 12.03
C TYR B 21 16.14 8.27 10.70
N ASN B 22 14.84 8.62 10.74
CA ASN B 22 14.07 8.75 9.48
C ASN B 22 13.94 10.23 9.11
N GLN B 23 13.21 10.51 8.04
CA GLN B 23 13.12 11.85 7.48
C GLN B 23 12.27 12.77 8.37
N LEU B 24 11.49 12.19 9.29
CA LEU B 24 10.59 12.94 10.19
C LEU B 24 11.30 13.27 11.50
N GLY B 25 12.47 12.66 11.72
CA GLY B 25 13.18 12.80 12.97
C GLY B 25 12.87 11.70 13.98
N SER B 26 12.17 10.61 13.57
CA SER B 26 12.00 9.47 14.45
C SER B 26 13.31 8.70 14.63
N THR B 27 13.47 8.00 15.77
CA THR B 27 14.64 7.21 16.13
C THR B 27 14.30 5.74 16.28
N PHE B 28 15.05 4.91 15.54
CA PHE B 28 14.87 3.47 15.46
C PHE B 28 16.15 2.87 16.02
N ILE B 29 16.04 2.25 17.17
CA ILE B 29 17.14 1.62 17.84
C ILE B 29 17.00 0.11 17.73
N VAL B 30 17.93 -0.56 17.05
CA VAL B 30 17.75 -1.98 16.74
C VAL B 30 19.00 -2.83 16.97
N THR B 31 18.78 -4.07 17.42
CA THR B 31 19.79 -5.10 17.39
C THR B 31 19.37 -6.20 16.43
N ALA B 32 20.26 -6.57 15.50
CA ALA B 32 20.07 -7.68 14.57
C ALA B 32 20.78 -8.89 15.14
N GLY B 33 20.00 -9.93 15.38
CA GLY B 33 20.49 -11.18 15.93
C GLY B 33 21.02 -12.12 14.85
N ALA B 34 21.94 -13.03 15.24
CA ALA B 34 22.51 -13.97 14.27
C ALA B 34 21.46 -14.86 13.60
N ASP B 35 20.32 -15.03 14.29
CA ASP B 35 19.24 -15.94 13.96
C ASP B 35 18.18 -15.24 13.09
N GLY B 36 18.36 -13.97 12.75
CA GLY B 36 17.42 -13.26 11.90
C GLY B 36 16.48 -12.35 12.70
N ALA B 37 16.68 -12.23 14.02
CA ALA B 37 15.75 -11.42 14.80
C ALA B 37 16.13 -9.96 14.71
N LEU B 38 15.08 -9.10 14.83
CA LEU B 38 15.23 -7.68 15.08
C LEU B 38 14.53 -7.36 16.38
N THR B 39 15.25 -6.74 17.32
N THR B 39 15.24 -6.62 17.22
CA THR B 39 14.68 -6.30 18.60
CA THR B 39 14.73 -6.22 18.51
C THR B 39 15.20 -4.91 18.94
C THR B 39 15.14 -4.77 18.74
N GLY B 40 14.32 -4.03 19.48
CA GLY B 40 14.74 -2.70 19.87
C GLY B 40 13.58 -1.82 20.29
N THR B 41 13.74 -0.52 20.00
CA THR B 41 12.79 0.51 20.38
C THR B 41 12.66 1.52 19.25
N TYR B 42 11.48 2.14 19.21
CA TYR B 42 11.15 3.14 18.25
C TYR B 42 10.62 4.32 19.01
N GLU B 43 11.05 5.50 18.59
CA GLU B 43 10.45 6.73 19.08
C GLU B 43 9.99 7.58 17.90
N SER B 44 8.68 7.83 17.80
CA SER B 44 8.11 8.58 16.71
C SER B 44 8.19 10.08 17.05
N ALA B 45 8.65 10.87 16.08
CA ALA B 45 8.59 12.34 16.16
C ALA B 45 7.20 12.90 15.87
N VAL B 46 6.24 12.07 15.41
CA VAL B 46 4.92 12.55 15.00
C VAL B 46 3.84 11.62 15.53
N GLY B 47 2.62 12.17 15.59
CA GLY B 47 1.44 11.35 15.82
C GLY B 47 1.13 11.19 17.31
N ASN B 48 0.24 10.24 17.63
CA ASN B 48 -0.22 10.04 18.99
C ASN B 48 0.79 9.12 19.68
N ALA B 49 1.96 9.68 20.01
CA ALA B 49 3.09 8.88 20.45
C ALA B 49 3.98 9.70 21.35
N GLU B 50 4.49 9.07 22.40
CA GLU B 50 5.44 9.72 23.27
C GLU B 50 6.42 8.68 23.80
N SER B 51 7.70 9.02 23.72
CA SER B 51 8.73 8.19 24.25
C SER B 51 8.87 6.97 23.34
N ARG B 52 9.44 5.92 23.92
CA ARG B 52 9.84 4.76 23.19
C ARG B 52 8.77 3.68 23.26
N TYR B 53 8.73 2.88 22.19
CA TYR B 53 7.85 1.73 22.06
C TYR B 53 8.69 0.52 21.65
N VAL B 54 8.28 -0.66 22.12
CA VAL B 54 8.92 -1.90 21.81
C VAL B 54 8.79 -2.16 20.30
N LEU B 55 9.84 -2.66 19.68
CA LEU B 55 9.65 -3.24 18.36
C LEU B 55 10.28 -4.62 18.28
N THR B 56 9.84 -5.34 17.27
N THR B 56 9.68 -5.46 17.44
CA THR B 56 10.34 -6.66 16.99
CA THR B 56 10.33 -6.70 17.02
C THR B 56 10.09 -6.98 15.54
C THR B 56 10.17 -6.85 15.51
N GLY B 57 11.06 -7.66 14.94
CA GLY B 57 10.91 -8.01 13.55
C GLY B 57 11.92 -9.05 13.13
N ARG B 58 12.10 -9.11 11.82
CA ARG B 58 12.95 -10.15 11.20
C ARG B 58 13.72 -9.57 10.01
N TYR B 59 14.89 -10.16 9.71
CA TYR B 59 15.65 -9.79 8.53
C TYR B 59 16.22 -11.09 7.94
N ASP B 60 16.57 -10.97 6.66
CA ASP B 60 17.29 -12.04 5.93
C ASP B 60 18.75 -12.08 6.37
N SER B 61 19.12 -13.11 7.14
CA SER B 61 20.45 -13.22 7.75
C SER B 61 21.47 -13.86 6.80
N ALA B 62 21.05 -14.25 5.59
CA ALA B 62 21.95 -14.79 4.56
C ALA B 62 21.59 -14.19 3.20
N PRO B 63 21.76 -12.87 3.01
CA PRO B 63 21.29 -12.22 1.78
C PRO B 63 22.15 -12.59 0.57
N ALA B 64 21.63 -12.25 -0.60
CA ALA B 64 22.28 -12.56 -1.85
C ALA B 64 23.54 -11.71 -1.93
N THR B 65 24.53 -12.26 -2.64
CA THR B 65 25.85 -11.67 -2.76
C THR B 65 26.04 -11.01 -4.13
N ASP B 66 24.95 -10.45 -4.68
CA ASP B 66 24.91 -9.95 -6.04
C ASP B 66 24.68 -8.44 -6.02
N GLY B 67 24.84 -7.81 -4.86
CA GLY B 67 24.62 -6.38 -4.73
C GLY B 67 23.17 -6.02 -4.40
N SER B 68 22.29 -7.02 -4.27
CA SER B 68 20.95 -6.75 -3.76
C SER B 68 21.01 -6.27 -2.32
N GLY B 69 19.97 -5.51 -1.90
CA GLY B 69 19.71 -5.17 -0.51
C GLY B 69 19.31 -6.38 0.34
N THR B 70 19.12 -6.15 1.63
CA THR B 70 18.78 -7.16 2.61
C THR B 70 17.35 -6.89 3.07
N ALA B 71 16.45 -7.83 2.77
CA ALA B 71 15.03 -7.67 3.16
C ALA B 71 14.87 -7.73 4.68
N LEU B 72 13.92 -6.93 5.17
CA LEU B 72 13.63 -6.91 6.59
C LEU B 72 12.27 -6.28 6.83
N GLY B 73 11.79 -6.44 8.06
CA GLY B 73 10.57 -5.79 8.48
C GLY B 73 10.43 -5.83 9.99
N TRP B 74 9.66 -4.90 10.52
CA TRP B 74 9.41 -4.87 11.94
C TRP B 74 8.06 -4.21 12.24
N THR B 75 7.60 -4.45 13.46
CA THR B 75 6.34 -3.95 13.97
C THR B 75 6.54 -3.20 15.28
N VAL B 76 5.75 -2.11 15.40
CA VAL B 76 5.53 -1.39 16.64
C VAL B 76 4.04 -1.34 16.87
N ALA B 77 3.58 -1.79 18.05
CA ALA B 77 2.24 -1.47 18.55
C ALA B 77 2.35 -0.23 19.43
N TRP B 78 1.49 0.74 19.19
CA TRP B 78 1.64 2.07 19.75
C TRP B 78 1.08 2.19 21.16
N LYS B 79 1.48 1.24 21.99
CA LYS B 79 1.15 1.21 23.41
C LYS B 79 2.46 1.17 24.16
N ASN B 80 2.59 2.07 25.16
CA ASN B 80 3.69 2.00 26.09
C ASN B 80 3.13 2.45 27.45
N ASN B 81 4.00 2.70 28.41
CA ASN B 81 3.51 3.09 29.74
C ASN B 81 2.86 4.47 29.77
N TYR B 82 3.00 5.26 28.71
CA TYR B 82 2.55 6.65 28.70
C TYR B 82 1.24 6.79 27.93
N ARG B 83 1.10 6.02 26.85
CA ARG B 83 0.04 6.30 25.90
C ARG B 83 -0.34 5.01 25.19
N ASN B 84 -1.56 5.01 24.67
CA ASN B 84 -2.01 3.89 23.84
C ASN B 84 -2.86 4.46 22.70
N ALA B 85 -2.30 4.43 21.48
CA ALA B 85 -3.00 4.92 20.29
C ALA B 85 -3.85 3.83 19.61
N HIS B 86 -3.90 2.62 20.16
CA HIS B 86 -4.75 1.55 19.64
C HIS B 86 -4.50 1.38 18.14
N SER B 87 -3.23 1.18 17.83
CA SER B 87 -2.77 1.08 16.45
C SER B 87 -1.40 0.39 16.42
N ALA B 88 -1.02 -0.08 15.23
CA ALA B 88 0.24 -0.78 15.05
C ALA B 88 0.75 -0.41 13.66
N THR B 89 2.06 -0.17 13.57
CA THR B 89 2.70 0.07 12.28
C THR B 89 3.68 -1.08 11.98
N THR B 90 3.70 -1.52 10.72
CA THR B 90 4.68 -2.43 10.22
C THR B 90 5.46 -1.74 9.11
N TRP B 91 6.77 -1.82 9.20
CA TRP B 91 7.69 -1.38 8.15
C TRP B 91 8.22 -2.59 7.41
N SER B 92 8.18 -2.51 6.09
CA SER B 92 8.70 -3.54 5.19
C SER B 92 9.70 -2.86 4.27
N GLY B 93 10.91 -3.43 4.15
CA GLY B 93 11.92 -2.74 3.37
C GLY B 93 13.20 -3.53 3.17
N GLN B 94 14.23 -2.76 2.81
CA GLN B 94 15.53 -3.38 2.63
C GLN B 94 16.61 -2.42 3.13
N TYR B 95 17.66 -3.05 3.69
CA TYR B 95 18.89 -2.43 4.14
C TYR B 95 19.86 -2.43 2.95
N VAL B 96 20.42 -1.24 2.68
CA VAL B 96 21.38 -1.06 1.60
C VAL B 96 22.66 -0.58 2.26
N GLY B 97 23.71 -1.42 2.24
CA GLY B 97 24.93 -1.14 2.98
C GLY B 97 25.78 -0.08 2.27
N GLY B 98 26.87 0.33 2.94
CA GLY B 98 27.87 1.22 2.34
C GLY B 98 28.03 2.50 3.12
N ALA B 99 28.77 3.45 2.51
CA ALA B 99 29.20 4.68 3.17
C ALA B 99 28.02 5.52 3.66
N GLU B 100 26.97 5.59 2.82
CA GLU B 100 25.70 6.20 3.15
C GLU B 100 24.66 5.07 3.30
N ALA B 101 24.81 4.25 4.36
CA ALA B 101 23.91 3.12 4.56
C ALA B 101 22.49 3.65 4.77
N ARG B 102 21.50 2.85 4.37
CA ARG B 102 20.11 3.29 4.48
C ARG B 102 19.24 2.06 4.60
N ILE B 103 18.10 2.27 5.27
CA ILE B 103 17.00 1.29 5.23
C ILE B 103 15.85 2.02 4.56
N ASN B 104 15.39 1.48 3.42
CA ASN B 104 14.32 2.08 2.65
C ASN B 104 13.08 1.24 2.93
N THR B 105 12.03 1.88 3.43
CA THR B 105 10.84 1.15 3.85
C THR B 105 9.58 1.76 3.25
N GLN B 106 8.56 0.87 3.19
CA GLN B 106 7.17 1.27 3.12
C GLN B 106 6.47 0.73 4.36
N TRP B 107 5.45 1.43 4.83
CA TRP B 107 4.82 1.06 6.09
C TRP B 107 3.32 1.07 5.97
N LEU B 108 2.69 0.28 6.85
CA LEU B 108 1.24 0.23 7.02
C LEU B 108 0.92 0.44 8.49
N LEU B 109 0.08 1.43 8.76
CA LEU B 109 -0.39 1.76 10.10
C LEU B 109 -1.88 1.40 10.19
N THR B 110 -2.20 0.38 10.98
CA THR B 110 -3.58 -0.04 11.18
C THR B 110 -4.03 0.41 12.56
N ALA B 111 -5.18 1.09 12.59
CA ALA B 111 -5.83 1.43 13.85
C ALA B 111 -6.92 0.40 14.12
N GLY B 112 -7.13 0.04 15.40
CA GLY B 112 -8.37 -0.63 15.75
C GLY B 112 -9.59 0.25 15.47
N THR B 113 -10.57 -0.35 14.78
CA THR B 113 -11.78 0.36 14.36
C THR B 113 -12.99 -0.54 14.63
N THR B 114 -14.19 0.08 14.65
CA THR B 114 -15.39 -0.71 14.42
C THR B 114 -15.41 -1.30 13.00
N GLU B 115 -16.33 -2.26 12.78
CA GLU B 115 -16.42 -2.85 11.45
C GLU B 115 -16.87 -1.80 10.44
N ALA B 116 -17.75 -0.89 10.86
CA ALA B 116 -18.27 0.14 9.98
C ALA B 116 -17.17 1.09 9.49
N ASN B 117 -16.12 1.28 10.29
CA ASN B 117 -15.02 2.18 9.95
C ASN B 117 -13.77 1.43 9.45
N ALA B 118 -13.83 0.11 9.21
CA ALA B 118 -12.63 -0.66 8.87
C ALA B 118 -12.07 -0.26 7.52
N TRP B 119 -12.90 0.32 6.62
CA TRP B 119 -12.39 0.75 5.33
C TRP B 119 -11.38 1.86 5.47
N LYS B 120 -11.46 2.66 6.55
CA LYS B 120 -10.50 3.73 6.82
C LYS B 120 -9.56 3.44 8.00
N SER B 121 -9.17 2.17 8.16
CA SER B 121 -8.37 1.75 9.31
C SER B 121 -6.87 1.92 9.03
N THR B 122 -6.44 1.93 7.77
CA THR B 122 -5.03 1.68 7.49
C THR B 122 -4.42 2.81 6.64
N LEU B 123 -3.40 3.44 7.19
CA LEU B 123 -2.57 4.40 6.49
C LEU B 123 -1.36 3.71 5.88
N VAL B 124 -0.90 4.27 4.75
CA VAL B 124 0.30 3.76 4.09
C VAL B 124 1.25 4.96 3.85
N GLY B 125 2.54 4.67 4.00
CA GLY B 125 3.56 5.65 3.73
C GLY B 125 4.91 5.00 3.49
N HIS B 126 5.96 5.86 3.44
CA HIS B 126 7.29 5.39 3.18
C HIS B 126 8.27 6.19 4.04
N ASP B 127 9.21 5.49 4.66
CA ASP B 127 10.22 6.11 5.51
C ASP B 127 11.58 5.62 5.02
N THR B 128 12.56 6.55 5.03
CA THR B 128 13.92 6.23 4.72
C THR B 128 14.76 6.57 5.95
N PHE B 129 15.50 5.57 6.41
CA PHE B 129 16.35 5.67 7.61
C PHE B 129 17.81 5.74 7.22
N THR B 130 18.55 6.61 7.92
CA THR B 130 19.99 6.74 7.77
C THR B 130 20.64 6.72 9.14
N LYS B 131 21.98 6.53 9.13
CA LYS B 131 22.78 6.40 10.35
C LYS B 131 23.13 7.77 10.92
N VAL B 132 22.83 8.82 10.16
CA VAL B 132 23.08 10.22 10.50
C VAL B 132 21.73 10.93 10.54
N LYS B 133 21.52 11.82 11.53
CA LYS B 133 20.26 12.51 11.75
C LYS B 133 20.10 13.62 10.71
N PRO B 134 18.85 13.99 10.30
CA PRO B 134 18.63 15.11 9.39
C PRO B 134 18.66 16.47 10.10
N ASP C 12 -5.34 25.75 -8.85
CA ASP C 12 -3.99 25.22 -9.21
C ASP C 12 -3.99 24.63 -10.61
N GLU C 13 -4.93 25.02 -11.44
CA GLU C 13 -4.92 24.60 -12.81
C GLU C 13 -3.57 24.93 -13.45
N ALA C 14 -3.16 26.19 -13.33
CA ALA C 14 -1.91 26.63 -13.92
C ALA C 14 -0.70 25.92 -13.29
N GLY C 15 -0.76 25.72 -11.96
CA GLY C 15 0.34 25.12 -11.22
C GLY C 15 0.58 23.67 -11.63
N ILE C 16 -0.51 22.93 -11.87
CA ILE C 16 -0.38 21.52 -12.18
C ILE C 16 -0.05 21.31 -13.67
N THR C 17 -0.64 22.11 -14.56
CA THR C 17 -0.45 21.91 -15.98
C THR C 17 1.02 22.11 -16.35
N GLY C 18 1.55 21.17 -17.13
CA GLY C 18 2.91 21.20 -17.61
C GLY C 18 3.61 19.85 -17.58
N THR C 19 4.94 19.93 -17.53
CA THR C 19 5.81 18.78 -17.65
C THR C 19 6.49 18.57 -16.31
N TRP C 20 6.37 17.33 -15.79
CA TRP C 20 6.94 16.94 -14.53
C TRP C 20 7.87 15.75 -14.70
N TYR C 21 8.85 15.66 -13.80
CA TYR C 21 9.85 14.61 -13.84
C TYR C 21 9.92 13.90 -12.47
N ASN C 22 10.05 12.56 -12.43
CA ASN C 22 10.15 11.86 -11.14
C ASN C 22 11.62 11.51 -10.88
N GLN C 23 11.85 10.78 -9.77
CA GLN C 23 13.21 10.48 -9.29
C GLN C 23 13.90 9.43 -10.16
N LEU C 24 13.13 8.71 -11.00
CA LEU C 24 13.64 7.64 -11.85
C LEU C 24 13.99 8.19 -13.23
N GLY C 25 13.60 9.43 -13.51
CA GLY C 25 13.74 10.02 -14.82
C GLY C 25 12.49 9.91 -15.71
N SER C 26 11.35 9.40 -15.18
CA SER C 26 10.13 9.38 -15.99
C SER C 26 9.60 10.80 -16.22
N THR C 27 8.83 10.98 -17.31
CA THR C 27 8.24 12.23 -17.74
C THR C 27 6.73 12.15 -17.76
N PHE C 28 6.11 13.06 -17.01
CA PHE C 28 4.67 13.13 -16.84
C PHE C 28 4.25 14.46 -17.43
N ILE C 29 3.51 14.40 -18.53
CA ILE C 29 3.04 15.56 -19.25
C ILE C 29 1.54 15.69 -19.05
N VAL C 30 1.07 16.74 -18.36
CA VAL C 30 -0.32 16.81 -17.95
C VAL C 30 -0.95 18.18 -18.24
N THR C 31 -2.24 18.14 -18.58
CA THR C 31 -3.10 19.32 -18.55
C THR C 31 -4.20 19.13 -17.51
N ALA C 32 -4.35 20.13 -16.62
CA ALA C 32 -5.39 20.19 -15.62
C ALA C 32 -6.52 21.06 -16.17
N GLY C 33 -7.67 20.45 -16.32
CA GLY C 33 -8.89 21.09 -16.78
C GLY C 33 -9.61 21.89 -15.70
N ALA C 34 -10.39 22.91 -16.10
CA ALA C 34 -11.13 23.70 -15.12
C ALA C 34 -12.15 22.88 -14.32
N ASP C 35 -12.57 21.75 -14.92
CA ASP C 35 -13.60 20.85 -14.45
C ASP C 35 -13.02 19.75 -13.55
N GLY C 36 -11.71 19.70 -13.30
CA GLY C 36 -11.11 18.69 -12.43
C GLY C 36 -10.43 17.57 -13.21
N ALA C 37 -10.37 17.67 -14.55
CA ALA C 37 -9.80 16.58 -15.33
C ALA C 37 -8.30 16.72 -15.38
N LEU C 38 -7.63 15.55 -15.43
CA LEU C 38 -6.23 15.44 -15.80
C LEU C 38 -6.12 14.61 -17.06
N THR C 39 -5.34 15.14 -18.00
N THR C 39 -5.44 15.15 -18.08
CA THR C 39 -5.12 14.47 -19.26
CA THR C 39 -5.20 14.43 -19.33
C THR C 39 -3.64 14.60 -19.60
C THR C 39 -3.76 14.68 -19.81
N GLY C 40 -3.10 13.64 -20.35
CA GLY C 40 -1.77 13.82 -20.88
C GLY C 40 -1.12 12.48 -21.23
N THR C 41 0.19 12.43 -21.04
CA THR C 41 1.02 11.28 -21.39
C THR C 41 2.08 11.05 -20.31
N TYR C 42 2.52 9.81 -20.24
CA TYR C 42 3.50 9.38 -19.30
C TYR C 42 4.51 8.57 -20.09
N GLU C 43 5.77 8.85 -19.78
CA GLU C 43 6.86 8.03 -20.31
C GLU C 43 7.71 7.52 -19.14
N SER C 44 7.76 6.19 -18.99
CA SER C 44 8.48 5.55 -17.89
C SER C 44 9.93 5.34 -18.31
N ALA C 45 10.85 5.73 -17.44
CA ALA C 45 12.28 5.43 -17.58
C ALA C 45 12.64 3.99 -17.23
N VAL C 46 11.69 3.22 -16.65
CA VAL C 46 11.96 1.86 -16.19
C VAL C 46 10.81 0.92 -16.59
N GLY C 47 11.14 -0.37 -16.58
CA GLY C 47 10.13 -1.40 -16.67
C GLY C 47 9.82 -1.79 -18.11
N ASN C 48 8.72 -2.55 -18.28
CA ASN C 48 8.33 -3.03 -19.60
C ASN C 48 7.56 -1.91 -20.33
N ALA C 49 8.31 -0.87 -20.76
CA ALA C 49 7.69 0.34 -21.24
C ALA C 49 8.58 1.01 -22.27
N GLU C 50 7.95 1.53 -23.32
CA GLU C 50 8.68 2.32 -24.30
C GLU C 50 7.78 3.42 -24.84
N SER C 51 8.31 4.63 -24.89
CA SER C 51 7.64 5.76 -25.45
C SER C 51 6.53 6.18 -24.48
N ARG C 52 5.54 6.86 -25.03
CA ARG C 52 4.52 7.52 -24.23
C ARG C 52 3.28 6.65 -24.14
N TYR C 53 2.57 6.81 -23.02
CA TYR C 53 1.31 6.16 -22.76
C TYR C 53 0.29 7.22 -22.36
N VAL C 54 -0.97 6.99 -22.73
CA VAL C 54 -2.08 7.84 -22.35
C VAL C 54 -2.24 7.82 -20.83
N LEU C 55 -2.53 8.97 -20.26
CA LEU C 55 -3.01 8.99 -18.90
C LEU C 55 -4.25 9.85 -18.78
N THR C 56 -5.04 9.50 -17.77
N THR C 56 -5.08 9.50 -17.79
CA THR C 56 -6.17 10.32 -17.40
CA THR C 56 -6.23 10.31 -17.43
C THR C 56 -6.29 10.25 -15.89
C THR C 56 -6.43 10.20 -15.93
N GLY C 57 -6.89 11.31 -15.33
CA GLY C 57 -7.14 11.32 -13.91
C GLY C 57 -7.97 12.51 -13.52
N ARG C 58 -7.91 12.80 -12.20
CA ARG C 58 -8.76 13.83 -11.60
C ARG C 58 -7.97 14.57 -10.53
N TYR C 59 -8.36 15.83 -10.26
CA TYR C 59 -7.77 16.58 -9.16
C TYR C 59 -8.88 17.42 -8.53
N ASP C 60 -8.63 17.83 -7.28
CA ASP C 60 -9.51 18.75 -6.55
C ASP C 60 -9.34 20.18 -7.09
N SER C 61 -10.34 20.68 -7.82
CA SER C 61 -10.27 21.97 -8.52
C SER C 61 -10.66 23.14 -7.62
N ALA C 62 -10.99 22.87 -6.36
CA ALA C 62 -11.33 23.88 -5.34
C ALA C 62 -10.71 23.49 -4.00
N PRO C 63 -9.37 23.47 -3.91
CA PRO C 63 -8.70 23.00 -2.69
C PRO C 63 -8.87 23.98 -1.54
N ALA C 64 -8.50 23.49 -0.35
CA ALA C 64 -8.61 24.27 0.87
C ALA C 64 -7.59 25.40 0.82
N THR C 65 -7.94 26.50 1.47
CA THR C 65 -7.13 27.71 1.50
C THR C 65 -6.33 27.81 2.80
N ASP C 66 -5.87 26.69 3.34
CA ASP C 66 -5.28 26.63 4.66
C ASP C 66 -3.83 26.12 4.60
N GLY C 67 -3.22 26.10 3.42
CA GLY C 67 -1.87 25.62 3.26
C GLY C 67 -1.81 24.13 2.94
N SER C 68 -2.95 23.47 2.90
CA SER C 68 -2.99 22.07 2.51
C SER C 68 -2.63 21.96 1.03
N GLY C 69 -2.07 20.78 0.66
CA GLY C 69 -1.88 20.38 -0.73
C GLY C 69 -3.19 20.11 -1.47
N THR C 70 -3.06 19.81 -2.76
CA THR C 70 -4.20 19.60 -3.65
C THR C 70 -4.24 18.12 -4.05
N ALA C 71 -5.28 17.40 -3.61
CA ALA C 71 -5.36 15.96 -3.91
C ALA C 71 -5.57 15.73 -5.39
N LEU C 72 -4.96 14.63 -5.87
CA LEU C 72 -5.10 14.26 -7.26
C LEU C 72 -4.72 12.80 -7.43
N GLY C 73 -5.09 12.27 -8.59
CA GLY C 73 -4.65 10.96 -8.97
C GLY C 73 -4.79 10.72 -10.46
N TRP C 74 -4.05 9.73 -10.99
CA TRP C 74 -4.20 9.43 -12.39
C TRP C 74 -3.81 7.97 -12.66
N THR C 75 -4.21 7.49 -13.82
CA THR C 75 -3.96 6.13 -14.26
C THR C 75 -3.25 6.11 -15.60
N VAL C 76 -2.31 5.15 -15.74
CA VAL C 76 -1.74 4.74 -17.02
C VAL C 76 -1.95 3.24 -17.13
N ALA C 77 -2.58 2.79 -18.25
CA ALA C 77 -2.53 1.38 -18.67
C ALA C 77 -1.35 1.22 -19.63
N TRP C 78 -0.53 0.21 -19.38
CA TRP C 78 0.77 0.11 -20.03
C TRP C 78 0.67 -0.56 -21.40
N LYS C 79 -0.25 -0.03 -22.20
CA LYS C 79 -0.43 -0.45 -23.59
C LYS C 79 -0.30 0.81 -24.44
N ASN C 80 0.52 0.71 -25.50
CA ASN C 80 0.57 1.75 -26.51
C ASN C 80 0.78 1.02 -27.84
N ASN C 81 1.14 1.79 -28.88
CA ASN C 81 1.37 1.17 -30.19
C ASN C 81 2.61 0.28 -30.23
N TYR C 82 3.49 0.35 -29.24
CA TYR C 82 4.77 -0.34 -29.28
C TYR C 82 4.78 -1.60 -28.42
N ARG C 83 4.13 -1.53 -27.25
CA ARG C 83 4.27 -2.57 -26.25
C ARG C 83 2.96 -2.69 -25.48
N ASN C 84 2.77 -3.86 -24.89
CA ASN C 84 1.66 -4.04 -23.94
C ASN C 84 2.17 -4.89 -22.78
N ALA C 85 2.32 -4.27 -21.60
CA ALA C 85 2.79 -4.93 -20.41
C ALA C 85 1.64 -5.57 -19.61
N HIS C 86 0.38 -5.47 -20.09
CA HIS C 86 -0.78 -6.08 -19.43
C HIS C 86 -0.80 -5.70 -17.96
N SER C 87 -0.76 -4.39 -17.73
CA SER C 87 -0.67 -3.84 -16.39
C SER C 87 -1.15 -2.39 -16.40
N ALA C 88 -1.44 -1.86 -15.21
CA ALA C 88 -1.89 -0.50 -15.07
C ALA C 88 -1.35 0.01 -13.74
N THR C 89 -0.92 1.27 -13.75
CA THR C 89 -0.47 1.95 -12.53
C THR C 89 -1.41 3.10 -12.23
N THR C 90 -1.73 3.28 -10.96
CA THR C 90 -2.44 4.45 -10.50
C THR C 90 -1.56 5.17 -9.51
N TRP C 91 -1.46 6.48 -9.69
CA TRP C 91 -0.78 7.36 -8.73
C TRP C 91 -1.82 8.15 -7.95
N SER C 92 -1.65 8.17 -6.64
CA SER C 92 -2.49 8.90 -5.71
C SER C 92 -1.60 9.83 -4.91
N GLY C 93 -1.94 11.13 -4.85
CA GLY C 93 -1.04 12.05 -4.18
C GLY C 93 -1.60 13.45 -4.06
N GLN C 94 -0.68 14.37 -3.78
CA GLN C 94 -1.06 15.77 -3.67
C GLN C 94 0.03 16.63 -4.31
N TYR C 95 -0.46 17.74 -4.89
CA TYR C 95 0.35 18.80 -5.46
C TYR C 95 0.60 19.83 -4.37
N VAL C 96 1.88 20.22 -4.22
CA VAL C 96 2.29 21.20 -3.25
C VAL C 96 2.93 22.32 -4.04
N GLY C 97 2.32 23.51 -4.05
CA GLY C 97 2.75 24.59 -4.93
C GLY C 97 3.95 25.32 -4.35
N GLY C 98 4.46 26.29 -5.12
CA GLY C 98 5.46 27.21 -4.63
C GLY C 98 6.74 27.06 -5.42
N ALA C 99 7.79 27.76 -4.98
CA ALA C 99 9.11 27.48 -5.49
C ALA C 99 9.40 26.04 -5.11
N GLU C 100 9.98 25.28 -6.03
CA GLU C 100 10.18 23.87 -5.82
C GLU C 100 8.81 23.22 -5.62
N ALA C 101 7.89 23.49 -6.56
CA ALA C 101 6.60 22.79 -6.60
C ALA C 101 6.88 21.30 -6.72
N ARG C 102 5.97 20.48 -6.13
CA ARG C 102 6.18 19.04 -6.23
C ARG C 102 4.81 18.37 -6.27
N ILE C 103 4.78 17.18 -6.87
CA ILE C 103 3.64 16.28 -6.70
C ILE C 103 4.19 15.05 -5.98
N ASN C 104 3.70 14.78 -4.77
CA ASN C 104 4.14 13.65 -3.96
C ASN C 104 3.10 12.55 -4.11
N THR C 105 3.51 11.39 -4.55
CA THR C 105 2.56 10.31 -4.83
C THR C 105 2.97 9.00 -4.18
N GLN C 106 1.95 8.16 -3.99
CA GLN C 106 2.15 6.73 -3.84
C GLN C 106 1.40 6.06 -5.00
N TRP C 107 1.89 4.90 -5.43
CA TRP C 107 1.31 4.25 -6.61
C TRP C 107 1.08 2.78 -6.39
N LEU C 108 0.13 2.23 -7.16
CA LEU C 108 -0.17 0.80 -7.22
C LEU C 108 -0.12 0.37 -8.68
N LEU C 109 0.73 -0.62 -8.94
CA LEU C 109 0.82 -1.22 -10.27
C LEU C 109 0.21 -2.61 -10.24
N THR C 110 -0.91 -2.82 -10.93
CA THR C 110 -1.52 -4.13 -10.99
C THR C 110 -1.26 -4.73 -12.38
N ALA C 111 -0.80 -5.98 -12.36
CA ALA C 111 -0.64 -6.77 -13.58
C ALA C 111 -1.87 -7.68 -13.70
N GLY C 112 -2.35 -7.92 -14.91
CA GLY C 112 -3.25 -9.04 -15.13
C GLY C 112 -2.57 -10.37 -14.82
N THR C 113 -3.25 -11.19 -14.03
CA THR C 113 -2.70 -12.47 -13.57
C THR C 113 -3.80 -13.52 -13.68
N THR C 114 -3.39 -14.81 -13.67
CA THR C 114 -4.35 -15.84 -13.32
C THR C 114 -4.83 -15.66 -11.88
N GLU C 115 -5.90 -16.40 -11.52
CA GLU C 115 -6.43 -16.31 -10.17
C GLU C 115 -5.40 -16.86 -9.19
N ALA C 116 -4.69 -17.91 -9.61
CA ALA C 116 -3.72 -18.53 -8.73
C ALA C 116 -2.55 -17.58 -8.44
N ASN C 117 -2.27 -16.63 -9.32
CA ASN C 117 -1.17 -15.69 -9.08
C ASN C 117 -1.66 -14.30 -8.62
N ALA C 118 -2.93 -14.13 -8.29
CA ALA C 118 -3.48 -12.81 -7.99
C ALA C 118 -2.87 -12.23 -6.71
N TRP C 119 -2.40 -13.07 -5.78
CA TRP C 119 -1.77 -12.57 -4.57
C TRP C 119 -0.52 -11.77 -4.85
N LYS C 120 0.18 -12.04 -5.99
CA LYS C 120 1.37 -11.30 -6.37
C LYS C 120 1.16 -10.40 -7.59
N SER C 121 -0.06 -9.83 -7.71
CA SER C 121 -0.43 -9.04 -8.88
C SER C 121 0.00 -7.57 -8.73
N THR C 122 0.20 -7.08 -7.50
CA THR C 122 0.20 -5.63 -7.31
C THR C 122 1.45 -5.15 -6.56
N LEU C 123 2.21 -4.29 -7.25
CA LEU C 123 3.35 -3.59 -6.68
C LEU C 123 2.90 -2.24 -6.12
N VAL C 124 3.61 -1.81 -5.07
CA VAL C 124 3.36 -0.52 -4.46
C VAL C 124 4.70 0.22 -4.37
N GLY C 125 4.63 1.53 -4.58
CA GLY C 125 5.80 2.38 -4.42
C GLY C 125 5.41 3.84 -4.29
N HIS C 126 6.43 4.72 -4.34
CA HIS C 126 6.20 6.15 -4.15
C HIS C 126 7.09 6.91 -5.12
N ASP C 127 6.52 7.90 -5.78
CA ASP C 127 7.22 8.74 -6.75
C ASP C 127 7.00 10.19 -6.36
N THR C 128 8.07 10.99 -6.44
CA THR C 128 8.02 12.42 -6.26
C THR C 128 8.39 13.10 -7.58
N PHE C 129 7.50 13.99 -8.03
CA PHE C 129 7.64 14.73 -9.28
C PHE C 129 7.98 16.19 -8.98
N THR C 130 8.92 16.72 -9.78
CA THR C 130 9.25 18.14 -9.73
C THR C 130 9.25 18.68 -11.15
N LYS C 131 9.29 20.04 -11.25
CA LYS C 131 9.19 20.75 -12.52
C LYS C 131 10.57 20.85 -13.19
N VAL C 132 11.63 20.45 -12.47
CA VAL C 132 12.97 20.36 -13.01
C VAL C 132 13.46 18.93 -12.91
N LYS C 133 14.33 18.52 -13.83
CA LYS C 133 14.75 17.14 -14.02
C LYS C 133 15.87 16.81 -13.04
N PRO C 134 16.08 15.53 -12.66
CA PRO C 134 17.24 15.14 -11.86
C PRO C 134 18.51 14.91 -12.71
N ASP D 12 -12.69 -7.00 -23.68
CA ASP D 12 -13.56 -6.93 -22.46
C ASP D 12 -14.28 -5.60 -22.35
N GLU D 13 -14.41 -4.88 -23.47
CA GLU D 13 -15.17 -3.65 -23.47
C GLU D 13 -16.59 -3.93 -22.94
N ALA D 14 -17.24 -4.94 -23.55
CA ALA D 14 -18.58 -5.31 -23.15
C ALA D 14 -18.64 -5.77 -21.69
N GLY D 15 -17.62 -6.55 -21.27
CA GLY D 15 -17.64 -7.14 -19.95
C GLY D 15 -17.47 -6.09 -18.86
N ILE D 16 -16.64 -5.07 -19.11
CA ILE D 16 -16.38 -4.06 -18.09
C ILE D 16 -17.49 -3.01 -18.07
N THR D 17 -18.02 -2.62 -19.23
CA THR D 17 -19.06 -1.59 -19.28
C THR D 17 -20.30 -2.00 -18.51
N GLY D 18 -20.81 -1.09 -17.68
CA GLY D 18 -21.96 -1.34 -16.87
C GLY D 18 -21.88 -0.80 -15.45
N THR D 19 -22.73 -1.38 -14.60
CA THR D 19 -22.90 -0.96 -13.22
C THR D 19 -22.32 -2.06 -12.35
N TRP D 20 -21.43 -1.65 -11.42
CA TRP D 20 -20.77 -2.52 -10.47
C TRP D 20 -21.00 -2.06 -9.05
N TYR D 21 -20.99 -3.01 -8.11
CA TYR D 21 -21.24 -2.76 -6.71
C TYR D 21 -20.10 -3.35 -5.87
N ASN D 22 -19.59 -2.62 -4.85
CA ASN D 22 -18.51 -3.15 -4.00
C ASN D 22 -19.13 -3.69 -2.71
N GLN D 23 -18.28 -4.15 -1.78
CA GLN D 23 -18.70 -4.84 -0.57
C GLN D 23 -19.30 -3.86 0.44
N LEU D 24 -19.08 -2.55 0.25
CA LEU D 24 -19.57 -1.49 1.15
C LEU D 24 -20.94 -1.01 0.67
N GLY D 25 -21.34 -1.42 -0.51
CA GLY D 25 -22.55 -0.90 -1.13
C GLY D 25 -22.33 0.32 -2.02
N SER D 26 -21.06 0.69 -2.32
CA SER D 26 -20.82 1.73 -3.31
C SER D 26 -21.18 1.26 -4.72
N THR D 27 -21.50 2.21 -5.61
CA THR D 27 -21.92 2.00 -6.98
C THR D 27 -20.95 2.63 -7.96
N PHE D 28 -20.39 1.79 -8.84
CA PHE D 28 -19.42 2.18 -9.85
C PHE D 28 -20.09 2.01 -11.20
N ILE D 29 -20.31 3.11 -11.88
CA ILE D 29 -20.97 3.14 -13.18
C ILE D 29 -19.93 3.51 -14.23
N VAL D 30 -19.61 2.58 -15.15
CA VAL D 30 -18.46 2.76 -16.05
C VAL D 30 -18.77 2.41 -17.50
N THR D 31 -18.19 3.19 -18.41
CA THR D 31 -18.12 2.80 -19.82
C THR D 31 -16.66 2.59 -20.21
N ALA D 32 -16.36 1.42 -20.79
CA ALA D 32 -15.05 1.08 -21.33
C ALA D 32 -15.03 1.42 -22.81
N GLY D 33 -14.13 2.30 -23.21
CA GLY D 33 -13.99 2.73 -24.59
C GLY D 33 -13.06 1.83 -25.40
N ALA D 34 -13.24 1.77 -26.74
CA ALA D 34 -12.44 0.87 -27.57
C ALA D 34 -10.94 1.15 -27.48
N ASP D 35 -10.64 2.40 -27.09
CA ASP D 35 -9.33 3.02 -27.05
C ASP D 35 -8.64 2.82 -25.70
N GLY D 36 -9.28 2.17 -24.72
CA GLY D 36 -8.69 1.94 -23.41
C GLY D 36 -9.20 2.91 -22.35
N ALA D 37 -10.17 3.78 -22.68
CA ALA D 37 -10.65 4.74 -21.69
C ALA D 37 -11.69 4.12 -20.79
N LEU D 38 -11.72 4.60 -19.53
CA LEU D 38 -12.81 4.35 -18.59
C LEU D 38 -13.37 5.70 -18.21
N THR D 39 -14.69 5.81 -18.33
CA THR D 39 -15.39 7.02 -17.94
C THR D 39 -16.66 6.62 -17.18
N GLY D 40 -17.08 7.45 -16.21
CA GLY D 40 -18.34 7.17 -15.55
C GLY D 40 -18.46 7.95 -14.25
N THR D 41 -19.19 7.34 -13.30
CA THR D 41 -19.50 7.96 -12.02
C THR D 41 -19.35 6.93 -10.91
N TYR D 42 -19.06 7.46 -9.72
CA TYR D 42 -18.89 6.67 -8.54
C TYR D 42 -19.75 7.30 -7.48
N GLU D 43 -20.46 6.43 -6.76
CA GLU D 43 -21.17 6.85 -5.55
C GLU D 43 -20.71 6.02 -4.34
N SER D 44 -20.11 6.68 -3.33
CA SER D 44 -19.58 5.99 -2.15
C SER D 44 -20.71 5.86 -1.13
N ALA D 45 -20.85 4.64 -0.59
CA ALA D 45 -21.73 4.37 0.55
C ALA D 45 -21.15 4.87 1.88
N VAL D 46 -19.86 5.26 1.91
CA VAL D 46 -19.18 5.62 3.14
C VAL D 46 -18.39 6.92 2.97
N GLY D 47 -18.11 7.56 4.10
CA GLY D 47 -17.12 8.63 4.11
C GLY D 47 -17.76 9.99 3.83
N ASN D 48 -16.90 10.99 3.58
CA ASN D 48 -17.37 12.36 3.39
C ASN D 48 -17.78 12.53 1.92
N ALA D 49 -18.92 11.93 1.58
CA ALA D 49 -19.33 11.79 0.19
C ALA D 49 -20.84 11.76 0.09
N GLU D 50 -21.38 12.45 -0.90
CA GLU D 50 -22.78 12.24 -1.21
C GLU D 50 -23.00 12.39 -2.70
N SER D 51 -23.84 11.50 -3.21
CA SER D 51 -24.23 11.50 -4.60
C SER D 51 -23.04 10.99 -5.41
N ARG D 52 -23.03 11.38 -6.68
CA ARG D 52 -22.10 10.82 -7.64
C ARG D 52 -20.94 11.78 -7.84
N TYR D 53 -19.79 11.17 -8.18
CA TYR D 53 -18.58 11.89 -8.51
C TYR D 53 -18.08 11.35 -9.84
N VAL D 54 -17.43 12.22 -10.60
CA VAL D 54 -16.84 11.89 -11.88
C VAL D 54 -15.70 10.90 -11.66
N LEU D 55 -15.59 9.94 -12.54
CA LEU D 55 -14.37 9.15 -12.57
C LEU D 55 -13.84 9.05 -13.98
N THR D 56 -12.52 8.85 -14.06
N THR D 56 -12.51 8.91 -14.07
CA THR D 56 -11.86 8.55 -15.31
CA THR D 56 -11.86 8.53 -15.31
C THR D 56 -10.73 7.58 -15.03
C THR D 56 -10.76 7.54 -15.00
N GLY D 57 -10.44 6.72 -16.00
CA GLY D 57 -9.33 5.82 -15.86
C GLY D 57 -8.99 5.16 -17.17
N ARG D 58 -8.24 4.06 -17.05
CA ARG D 58 -7.74 3.35 -18.22
C ARG D 58 -7.81 1.86 -17.98
N TYR D 59 -7.85 1.06 -19.06
CA TYR D 59 -7.81 -0.38 -18.97
C TYR D 59 -6.99 -0.90 -20.17
N ASP D 60 -6.45 -2.10 -19.99
CA ASP D 60 -5.77 -2.84 -21.07
C ASP D 60 -6.80 -3.35 -22.06
N SER D 61 -6.86 -2.74 -23.25
CA SER D 61 -7.86 -3.06 -24.25
C SER D 61 -7.46 -4.23 -25.17
N ALA D 62 -6.29 -4.84 -24.92
CA ALA D 62 -5.85 -6.04 -25.66
C ALA D 62 -5.19 -6.99 -24.67
N PRO D 63 -5.96 -7.55 -23.72
CA PRO D 63 -5.35 -8.38 -22.67
C PRO D 63 -4.86 -9.71 -23.22
N ALA D 64 -4.08 -10.37 -22.37
CA ALA D 64 -3.51 -11.66 -22.70
C ALA D 64 -4.64 -12.68 -22.78
N THR D 65 -4.36 -13.68 -23.60
CA THR D 65 -5.30 -14.72 -24.00
C THR D 65 -5.02 -16.01 -23.23
N ASP D 66 -4.46 -15.90 -22.03
CA ASP D 66 -3.92 -17.04 -21.32
C ASP D 66 -4.69 -17.27 -20.02
N GLY D 67 -5.87 -16.66 -19.92
CA GLY D 67 -6.71 -16.70 -18.74
C GLY D 67 -6.31 -15.69 -17.66
N SER D 68 -5.35 -14.80 -17.93
CA SER D 68 -5.08 -13.77 -16.95
C SER D 68 -6.20 -12.72 -17.00
N GLY D 69 -6.38 -11.99 -15.88
CA GLY D 69 -7.29 -10.86 -15.78
C GLY D 69 -6.87 -9.67 -16.67
N THR D 70 -7.70 -8.63 -16.67
CA THR D 70 -7.49 -7.44 -17.44
C THR D 70 -7.15 -6.30 -16.51
N ALA D 71 -5.93 -5.78 -16.61
CA ALA D 71 -5.50 -4.68 -15.74
C ALA D 71 -6.27 -3.39 -16.02
N LEU D 72 -6.54 -2.63 -14.94
CA LEU D 72 -7.26 -1.38 -15.09
C LEU D 72 -7.05 -0.53 -13.84
N GLY D 73 -7.43 0.73 -13.96
CA GLY D 73 -7.46 1.62 -12.82
C GLY D 73 -8.25 2.87 -13.11
N TRP D 74 -8.68 3.54 -12.04
CA TRP D 74 -9.41 4.77 -12.20
C TRP D 74 -9.26 5.65 -10.98
N THR D 75 -9.60 6.93 -11.17
CA THR D 75 -9.54 7.95 -10.13
C THR D 75 -10.88 8.63 -9.95
N VAL D 76 -11.15 8.94 -8.67
CA VAL D 76 -12.23 9.87 -8.29
C VAL D 76 -11.61 10.91 -7.40
N ALA D 77 -11.79 12.22 -7.74
CA ALA D 77 -11.55 13.30 -6.80
C ALA D 77 -12.89 13.60 -6.10
N TRP D 78 -12.87 13.72 -4.79
CA TRP D 78 -14.08 13.72 -4.00
C TRP D 78 -14.69 15.12 -3.89
N LYS D 79 -14.83 15.72 -5.07
CA LYS D 79 -15.50 17.02 -5.20
C LYS D 79 -16.63 16.82 -6.19
N ASN D 80 -17.83 17.30 -5.80
CA ASN D 80 -18.93 17.39 -6.73
C ASN D 80 -19.70 18.67 -6.34
N ASN D 81 -20.91 18.82 -6.86
CA ASN D 81 -21.67 20.04 -6.59
C ASN D 81 -22.16 20.13 -5.15
N TYR D 82 -22.10 19.04 -4.38
CA TYR D 82 -22.64 18.96 -3.03
C TYR D 82 -21.57 19.11 -1.96
N ARG D 83 -20.40 18.51 -2.19
CA ARG D 83 -19.41 18.35 -1.13
C ARG D 83 -18.01 18.36 -1.75
N ASN D 84 -17.04 18.75 -0.95
CA ASN D 84 -15.64 18.62 -1.34
C ASN D 84 -14.86 18.11 -0.14
N ALA D 85 -14.42 16.84 -0.21
CA ALA D 85 -13.63 16.22 0.84
C ALA D 85 -12.12 16.47 0.65
N HIS D 86 -11.68 17.24 -0.36
CA HIS D 86 -10.27 17.58 -0.55
C HIS D 86 -9.40 16.31 -0.49
N SER D 87 -9.80 15.35 -1.33
CA SER D 87 -9.14 14.05 -1.36
C SER D 87 -9.44 13.38 -2.71
N ALA D 88 -8.67 12.35 -3.03
CA ALA D 88 -8.82 11.62 -4.27
C ALA D 88 -8.45 10.17 -3.98
N THR D 89 -9.23 9.28 -4.57
CA THR D 89 -8.95 7.84 -4.47
C THR D 89 -8.63 7.31 -5.86
N THR D 90 -7.63 6.42 -5.92
CA THR D 90 -7.30 5.67 -7.11
C THR D 90 -7.48 4.20 -6.80
N TRP D 91 -8.19 3.49 -7.69
CA TRP D 91 -8.32 2.04 -7.64
C TRP D 91 -7.44 1.44 -8.72
N SER D 92 -6.67 0.43 -8.33
CA SER D 92 -5.80 -0.32 -9.23
C SER D 92 -6.16 -1.80 -9.11
N GLY D 93 -6.42 -2.46 -10.24
CA GLY D 93 -6.86 -3.85 -10.12
C GLY D 93 -7.00 -4.55 -11.45
N GLN D 94 -7.79 -5.62 -11.42
CA GLN D 94 -8.03 -6.37 -12.64
C GLN D 94 -9.47 -6.85 -12.66
N TYR D 95 -9.98 -6.92 -13.89
CA TYR D 95 -11.28 -7.47 -14.26
C TYR D 95 -11.08 -8.95 -14.54
N VAL D 96 -11.93 -9.78 -13.91
CA VAL D 96 -11.92 -11.21 -14.13
C VAL D 96 -13.29 -11.56 -14.66
N GLY D 97 -13.36 -12.04 -15.90
CA GLY D 97 -14.65 -12.23 -16.56
C GLY D 97 -15.29 -13.55 -16.12
N GLY D 98 -16.50 -13.79 -16.63
CA GLY D 98 -17.17 -15.09 -16.45
C GLY D 98 -18.46 -14.93 -15.69
N ALA D 99 -19.05 -16.08 -15.30
CA ALA D 99 -20.43 -16.12 -14.84
C ALA D 99 -20.62 -15.20 -13.65
N GLU D 100 -19.59 -15.17 -12.78
CA GLU D 100 -19.53 -14.29 -11.63
C GLU D 100 -18.36 -13.32 -11.81
N ALA D 101 -18.54 -12.38 -12.75
CA ALA D 101 -17.49 -11.43 -13.11
C ALA D 101 -17.16 -10.59 -11.89
N ARG D 102 -15.89 -10.15 -11.78
CA ARG D 102 -15.55 -9.30 -10.66
C ARG D 102 -14.44 -8.36 -11.11
N ILE D 103 -14.34 -7.24 -10.41
CA ILE D 103 -13.15 -6.38 -10.51
C ILE D 103 -12.56 -6.38 -9.10
N ASN D 104 -11.31 -6.84 -8.98
CA ASN D 104 -10.64 -6.94 -7.70
C ASN D 104 -9.64 -5.78 -7.68
N THR D 105 -9.74 -4.94 -6.68
CA THR D 105 -8.91 -3.75 -6.61
C THR D 105 -8.22 -3.59 -5.26
N GLN D 106 -7.15 -2.78 -5.30
N GLN D 106 -7.10 -2.84 -5.34
CA GLN D 106 -6.62 -2.15 -4.10
CA GLN D 106 -6.50 -2.14 -4.21
C GLN D 106 -6.60 -0.67 -4.41
C GLN D 106 -6.72 -0.65 -4.45
N TRP D 107 -6.79 0.14 -3.38
CA TRP D 107 -6.98 1.59 -3.57
C TRP D 107 -6.10 2.40 -2.64
N LEU D 108 -5.83 3.63 -3.08
CA LEU D 108 -5.11 4.64 -2.29
C LEU D 108 -5.97 5.89 -2.25
N LEU D 109 -6.27 6.38 -1.04
CA LEU D 109 -7.01 7.61 -0.85
C LEU D 109 -6.08 8.66 -0.26
N THR D 110 -5.75 9.70 -1.03
CA THR D 110 -4.88 10.77 -0.56
C THR D 110 -5.73 11.99 -0.26
N ALA D 111 -5.54 12.54 0.95
CA ALA D 111 -6.18 13.79 1.31
C ALA D 111 -5.15 14.91 1.13
N GLY D 112 -5.58 16.09 0.71
CA GLY D 112 -4.70 17.24 0.84
C GLY D 112 -4.39 17.56 2.31
N THR D 113 -3.11 17.77 2.58
CA THR D 113 -2.65 18.00 3.95
C THR D 113 -1.62 19.11 3.94
N THR D 114 -1.36 19.67 5.14
CA THR D 114 -0.12 20.42 5.30
C THR D 114 1.08 19.49 5.17
N GLU D 115 2.27 20.08 5.01
CA GLU D 115 3.49 19.29 4.92
C GLU D 115 3.69 18.55 6.24
N ALA D 116 3.37 19.21 7.36
CA ALA D 116 3.58 18.59 8.67
C ALA D 116 2.72 17.33 8.84
N ASN D 117 1.58 17.26 8.15
CA ASN D 117 0.65 16.14 8.29
C ASN D 117 0.72 15.16 7.09
N ALA D 118 1.66 15.34 6.16
CA ALA D 118 1.72 14.54 4.93
C ALA D 118 2.01 13.06 5.23
N TRP D 119 2.62 12.74 6.37
CA TRP D 119 2.90 11.34 6.68
C TRP D 119 1.60 10.57 6.89
N LYS D 120 0.51 11.25 7.30
CA LYS D 120 -0.80 10.63 7.49
C LYS D 120 -1.83 11.02 6.42
N SER D 121 -1.38 11.23 5.19
CA SER D 121 -2.23 11.75 4.11
C SER D 121 -2.99 10.62 3.41
N THR D 122 -2.49 9.37 3.46
CA THR D 122 -2.90 8.37 2.50
C THR D 122 -3.39 7.08 3.19
N LEU D 123 -4.65 6.74 2.94
CA LEU D 123 -5.26 5.48 3.34
C LEU D 123 -5.13 4.47 2.21
N VAL D 124 -5.01 3.20 2.62
CA VAL D 124 -4.99 2.12 1.65
C VAL D 124 -6.03 1.06 2.03
N GLY D 125 -6.63 0.48 1.00
CA GLY D 125 -7.63 -0.55 1.24
C GLY D 125 -7.84 -1.39 -0.01
N HIS D 126 -8.87 -2.26 0.03
CA HIS D 126 -9.15 -3.15 -1.08
C HIS D 126 -10.66 -3.27 -1.23
N ASP D 127 -11.12 -3.18 -2.46
CA ASP D 127 -12.54 -3.27 -2.80
C ASP D 127 -12.68 -4.34 -3.87
N THR D 128 -13.75 -5.14 -3.74
CA THR D 128 -14.11 -6.12 -4.75
C THR D 128 -15.50 -5.73 -5.27
N PHE D 129 -15.58 -5.58 -6.59
CA PHE D 129 -16.80 -5.22 -7.30
C PHE D 129 -17.39 -6.42 -8.04
N THR D 130 -18.72 -6.51 -7.95
CA THR D 130 -19.47 -7.51 -8.70
C THR D 130 -20.64 -6.85 -9.39
N LYS D 131 -21.23 -7.59 -10.36
CA LYS D 131 -22.30 -7.06 -11.23
C LYS D 131 -23.65 -7.22 -10.53
N VAL D 132 -23.69 -7.88 -9.37
CA VAL D 132 -24.90 -8.00 -8.57
C VAL D 132 -24.58 -7.45 -7.18
N LYS D 133 -25.55 -6.74 -6.62
CA LYS D 133 -25.47 -6.20 -5.27
C LYS D 133 -25.89 -7.30 -4.28
N1 NOF E . 10.67 -11.47 -6.05
N3 NOF E . 1.60 -15.86 1.17
C4 NOF E . 12.04 -9.45 -9.72
C5 NOF E . 9.57 -9.17 -9.34
C6 NOF E . 9.32 -9.59 -10.77
C7 NOF E . 8.68 -8.85 -8.36
C8 NOF E . 7.18 -8.72 -8.42
C10 NOF E . 8.93 -8.08 -5.87
C13 NOF E . 7.01 -12.74 -5.06
C15 NOF E . 7.35 -13.32 -3.76
C17 NOF E . 11.24 -12.78 -3.53
C20 NOF E . 8.18 -15.20 -1.71
C21 NOF E . 8.20 -15.86 -0.31
C22 NOF E . 6.75 -16.37 -0.04
C24 NOF E . 4.36 -15.56 0.31
C26 NOF E . 1.90 -14.75 0.36
C28 NOF E . 0.96 -13.50 0.88
C1 NOF E . 10.79 -8.80 -7.54
C2 NOF E . 12.00 -8.55 -6.67
C3 NOF E . 10.81 -9.13 -8.87
C9 NOF E . 9.44 -8.54 -7.22
C11 NOF E . 8.10 -12.11 -5.86
C12 NOF E . 9.55 -12.11 -5.32
IR1 NOF E . 9.66 -10.75 -7.76
C14 NOF E . 9.84 -12.76 -4.02
C16 NOF E . 8.75 -13.38 -3.26
C18 NOF E . 12.05 -11.51 -5.62
C19 NOF E . 12.30 -12.15 -4.33
N2 NOF E . 8.93 -13.95 -1.92
O1 NOF E . 7.53 -15.82 -2.81
C23 NOF E . 5.80 -15.17 -0.11
C25 NOF E . 3.39 -14.38 0.39
S1 NOF E . 3.44 -13.39 1.95
C27 NOF E . 2.07 -12.51 1.53
N4 NOF E . 0.26 -14.27 1.91
C29 NOF E . 0.56 -15.50 2.05
O2 NOF E . 0.07 -16.35 2.96
N5 NOF E . 7.76 -11.54 -7.16
C30 NOF E . 7.14 -12.58 -8.09
O3 NOF E . 7.33 -12.51 -9.33
O4 NOF E . 6.84 -13.93 -7.58
C31 NOF E . 7.75 -15.04 -7.86
C32 NOF E . 7.88 -15.37 -9.37
C33 NOF E . 9.17 -14.86 -7.27
C34 NOF E . 7.15 -16.23 -7.10
CL46 NOF E . 10.50 -12.78 -9.43
N1 NOF F . -6.37 6.86 13.92
N3 NOF F . 5.90 7.88 12.55
C4 NOF F . -10.48 7.61 12.60
C5 NOF F . -8.81 8.17 10.83
C6 NOF F . -9.52 9.48 10.68
C7 NOF F . -7.69 7.67 10.24
C8 NOF F . -6.85 8.25 9.11
C10 NOF F . -6.38 5.41 10.42
C13 NOF F . -2.94 8.36 12.58
C15 NOF F . -2.05 7.66 13.52
C17 NOF F . -4.54 5.64 15.80
C20 NOF F . -0.46 7.00 15.85
C21 NOF F . 0.75 6.47 16.65
C22 NOF F . 2.02 7.13 16.03
C24 NOF F . 3.44 7.25 13.98
C26 NOF F . 4.72 7.66 11.80
C28 NOF F . 5.16 6.92 10.37
C1 NOF F . -8.44 6.23 11.81
C2 NOF F . -8.68 5.00 12.65
C3 NOF F . -9.25 7.31 11.75
C9 NOF F . -7.47 6.39 10.80
C11 NOF F . -4.40 8.11 12.72
C12 NOF F . -4.93 7.17 13.79
IR1 NOF F . -7.20 8.03 12.37
C14 NOF F . -3.99 6.51 14.75
C16 NOF F . -2.57 6.79 14.61
C18 NOF F . -6.96 6.06 14.97
C19 NOF F . -6.00 5.43 15.89
N2 NOF F . -1.55 6.10 15.44
O1 NOF F . -0.61 8.39 15.62
C23 NOF F . 2.16 6.68 14.58
C25 NOF F . 3.62 6.88 12.52
S1 NOF F . 4.26 5.16 12.24
C27 NOF F . 4.49 5.46 10.59
N4 NOF F . 6.60 6.94 10.65
C29 NOF F . 6.98 7.45 11.76
O2 NOF F . 8.24 7.52 12.22
N5 NOF F . -5.30 8.77 11.77
C30 NOF F . -5.09 10.26 11.69
O3 NOF F . -4.12 10.65 11.05
O4 NOF F . -6.08 11.18 12.26
C31 NOF F . -5.57 12.23 13.13
C32 NOF F . -6.52 12.53 14.31
C33 NOF F . -4.22 11.80 13.76
C34 NOF F . -5.48 13.54 12.33
CL46 NOF F . -8.14 10.02 14.02
N1 NOF G . 4.69 -8.15 -13.98
N3 NOF G . 7.78 3.75 -13.53
C4 NOF G . 4.77 -12.25 -12.26
C5 NOF G . 5.32 -10.42 -10.65
C6 NOF G . 6.39 -11.28 -10.12
C7 NOF G . 4.93 -9.17 -10.33
C8 NOF G . 5.44 -8.27 -9.25
C10 NOF G . 3.13 -7.54 -11.07
C13 NOF G . 6.74 -4.98 -12.86
C15 NOF G . 6.15 -4.06 -13.82
C17 NOF G . 3.63 -6.22 -15.91
C20 NOF G . 5.57 -2.54 -16.28
C21 NOF G . 5.18 -1.33 -17.13
C22 NOF G . 5.33 -0.03 -16.29
C24 NOF G . 6.51 0.59 -14.24
C26 NOF G . 7.42 2.66 -12.73
C28 NOF G . 6.85 3.33 -11.30
C1 NOF G . 3.67 -9.93 -12.04
C2 NOF G . 2.61 -10.13 -13.11
C3 NOF G . 4.56 -10.87 -11.65
C9 NOF G . 3.85 -8.84 -11.15
C11 NOF G . 6.25 -6.38 -12.92
C12 NOF G . 5.19 -6.78 -13.93
IR1 NOF G . 5.74 -9.12 -12.42
C14 NOF G . 4.63 -5.82 -14.91
C16 NOF G . 5.14 -4.46 -14.85
C18 NOF G . 3.72 -8.59 -14.97
C19 NOF G . 3.16 -7.63 -15.92
N2 NOF G . 4.56 -3.42 -15.70
O1 NOF G . 6.93 -2.88 -16.17
C23 NOF G . 6.67 0.43 -15.77
C25 NOF G . 6.38 1.94 -13.58
S1 NOF G . 4.79 2.64 -12.94
C27 NOF G . 5.30 2.89 -11.36
N4 NOF G . 7.09 4.72 -11.66
C29 NOF G . 7.56 4.94 -12.82
O2 NOF G . 7.79 6.12 -13.38
N5 NOF G . 6.80 -7.34 -11.97
C30 NOF G . 8.29 -7.34 -12.03
O3 NOF G . 8.89 -6.55 -11.30
O4 NOF G . 9.00 -8.25 -12.93
C31 NOF G . 9.30 -7.81 -14.28
C32 NOF G . 8.21 -8.15 -15.31
C33 NOF G . 9.48 -6.29 -14.30
C34 NOF G . 10.59 -8.54 -14.72
CL46 NOF G . 7.46 -10.69 -13.88
N1 NOF H . -9.25 12.83 5.79
N3 NOF H . -15.52 4.26 -0.44
C4 NOF H . -6.41 14.33 6.47
C5 NOF H . -6.58 12.68 8.42
C6 NOF H . -6.63 13.80 9.45
C7 NOF H . -6.66 11.33 8.64
C8 NOF H . -6.77 10.75 9.99
C10 NOF H . -6.57 9.30 6.95
C13 NOF H . -11.04 9.38 5.20
C15 NOF H . -11.67 9.73 3.93
C17 NOF H . -10.59 13.49 3.31
C20 NOF H . -13.56 10.80 1.93
C21 NOF H . -14.31 10.83 0.59
C22 NOF H . -15.02 9.47 0.45
C24 NOF H . -14.69 6.97 0.23
C26 NOF H . -14.31 4.43 0.26
C28 NOF H . -13.27 3.25 -0.28
C1 NOF H . -6.49 11.79 6.47
C2 NOF H . -6.36 11.51 5.02
C3 NOF H . -6.53 12.95 7.09
C9 NOF H . -6.56 10.75 7.36
C11 NOF H . -10.21 10.43 5.85
C12 NOF H . -10.06 11.79 5.18
IR1 NOF H . -8.48 11.91 7.54
C14 NOF H . -10.74 12.13 3.92
C16 NOF H . -11.56 11.10 3.31
C18 NOF H . -9.08 14.16 5.25
C19 NOF H . -9.76 14.49 3.99
N2 NOF H . -12.18 11.29 2.00
O1 NOF H . -14.19 10.40 3.12
C23 NOF H . -14.00 8.33 0.48
C25 NOF H . -13.67 5.82 0.12
S1 NOF H . -12.79 5.63 -1.49
C27 NOF H . -12.13 4.12 -1.01
N4 NOF H . -14.22 2.59 -1.17
C29 NOF H . -15.37 3.12 -1.26
O2 NOF H . -16.35 2.72 -2.05
N5 NOF H . -9.58 10.13 7.13
C30 NOF H . -10.62 9.74 8.16
O3 NOF H . -10.35 9.81 9.36
O4 NOF H . -12.04 9.72 7.80
C31 NOF H . -12.88 10.85 8.14
C32 NOF H . -13.02 11.09 9.67
C33 NOF H . -12.47 12.19 7.47
C34 NOF H . -14.26 10.49 7.55
CL46 NOF H . -9.99 13.33 9.34
#